data_3WD3
#
_entry.id   3WD3
#
_cell.length_a   97.688
_cell.length_b   97.688
_cell.length_c   197.434
_cell.angle_alpha   90.00
_cell.angle_beta   90.00
_cell.angle_gamma   90.00
#
_symmetry.space_group_name_H-M   'P 43 21 2'
#
loop_
_entity.id
_entity.type
_entity.pdbx_description
1 polymer 'Chitinase B'
2 non-polymer [2-[[(2S)-1-[bis(phenylmethyl)amino]-5-[[N-(methylcarbamoyl)carbamimidoyl]amino]-1-oxidanylidene-pentan-2-yl]amino]-2-oxidanylidene-ethyl]-diazonio-azanide
3 non-polymer GLYCEROL
4 non-polymer 'SULFATE ION'
5 water water
#
_entity_poly.entity_id   1
_entity_poly.type   'polypeptide(L)'
_entity_poly.pdbx_seq_one_letter_code
;DPSSRSTRKAVIGYYFIPTNQINNYTETDTSVVPFPVSNITPAKAKQLTHINFSFLDINSNLECAWDPATNDAKARDVVN
RLTALKAHNPSLRIMFSIGGWYYSNDLGVSHANYVNAVKTPAARTKFAQSCVRIMKDYGFDGVDIDWEYPQAAEVDGFIA
ALQEIRTLLNQQTIADGRQALPYQLTIAGAGGAFFLSRYYSKLAQIVAPLDYINLMTYDLAGPWEKITNHQAALFGDAAG
PTFYNALREANLGWSWEELTRAFPSPFSLTVDAAVQQHLMMEGVPSAKIVMGVPFYGRAFKGVSGGNGGQYSSHSTPGED
PYPNADYWLVGCDECVRDKDPRIASYRQLEQMLQGNYGYQRLWNDKTKTPYLYHAQNGLFVTYDDAESFKYKAKYIKQQQ
LGGVMFWHLGQDNRNGDLLAALDRYFNAADYDDSQLDMGTGLRYTGVGPGNLPIMTAPAYVPGTTYAQGALVSYQGYVWQ
TKWGYITSAPGSDSAWLKVGRLA
;
_entity_poly.pdbx_strand_id   A
#
# COMPACT_ATOMS: atom_id res chain seq x y z
N SER A 6 5.78 -21.62 7.13
CA SER A 6 6.21 -21.22 8.51
C SER A 6 5.96 -19.72 8.75
N THR A 7 6.81 -18.83 8.22
CA THR A 7 6.84 -17.41 8.63
C THR A 7 5.46 -16.70 8.74
N ARG A 8 5.14 -16.21 9.93
CA ARG A 8 3.88 -15.49 10.12
C ARG A 8 3.78 -14.27 9.19
N LYS A 9 2.64 -14.13 8.49
CA LYS A 9 2.42 -12.91 7.67
C LYS A 9 2.27 -11.68 8.58
N ALA A 10 2.87 -10.55 8.18
CA ALA A 10 2.66 -9.33 8.92
C ALA A 10 1.19 -8.87 8.75
N VAL A 11 0.65 -8.25 9.79
CA VAL A 11 -0.67 -7.63 9.76
C VAL A 11 -0.46 -6.27 10.41
N ILE A 12 -0.39 -5.23 9.55
CA ILE A 12 0.05 -3.92 9.96
C ILE A 12 -1.14 -2.93 9.91
N GLY A 13 -1.56 -2.46 11.08
CA GLY A 13 -2.73 -1.60 11.12
C GLY A 13 -2.36 -0.18 11.52
N TYR A 14 -2.78 0.81 10.75
CA TYR A 14 -2.59 2.19 11.17
C TYR A 14 -3.51 2.58 12.32
N TYR A 15 -2.93 3.25 13.32
CA TYR A 15 -3.69 3.92 14.35
C TYR A 15 -3.49 5.40 14.12
N PHE A 16 -4.53 6.08 13.65
CA PHE A 16 -4.41 7.51 13.38
C PHE A 16 -5.15 8.29 14.42
N ILE A 17 -4.54 9.31 15.00
CA ILE A 17 -5.28 10.16 15.93
C ILE A 17 -4.84 11.58 15.75
N PRO A 18 -5.79 12.50 15.45
CA PRO A 18 -5.35 13.88 15.22
C PRO A 18 -4.93 14.61 16.50
N THR A 19 -4.16 15.68 16.34
CA THR A 19 -3.64 16.43 17.47
C THR A 19 -4.73 16.81 18.47
N ASN A 20 -5.86 17.36 17.99
CA ASN A 20 -6.94 17.75 18.89
C ASN A 20 -7.42 16.58 19.76
N GLN A 21 -7.41 15.37 19.22
CA GLN A 21 -7.91 14.23 19.97
C GLN A 21 -6.91 13.79 20.98
N ILE A 22 -5.62 13.90 20.65
CA ILE A 22 -4.59 13.63 21.66
C ILE A 22 -4.74 14.64 22.80
N ASN A 23 -4.88 15.91 22.44
CA ASN A 23 -4.93 16.99 23.45
C ASN A 23 -6.15 16.90 24.37
N ASN A 24 -7.21 16.24 23.89
CA ASN A 24 -8.42 16.05 24.68
C ASN A 24 -8.70 14.56 24.89
N TYR A 25 -7.63 13.77 24.98
CA TYR A 25 -7.77 12.32 24.91
C TYR A 25 -8.71 11.80 26.01
N THR A 26 -9.62 10.91 25.65
CA THR A 26 -10.48 10.28 26.63
C THR A 26 -10.99 8.95 26.08
N GLU A 27 -11.17 7.96 26.94
CA GLU A 27 -11.70 6.70 26.49
C GLU A 27 -13.19 6.51 26.76
N THR A 28 -13.88 7.57 27.17
CA THR A 28 -15.25 7.41 27.57
C THR A 28 -16.14 8.43 26.86
N ASP A 29 -15.70 8.95 25.71
CA ASP A 29 -16.54 9.89 24.98
C ASP A 29 -16.28 9.90 23.48
N THR A 30 -17.06 9.12 22.74
CA THR A 30 -16.75 8.91 21.33
C THR A 30 -16.99 10.12 20.46
N SER A 31 -17.69 11.13 20.99
CA SER A 31 -17.82 12.36 20.20
C SER A 31 -16.56 13.21 20.37
N VAL A 32 -15.69 12.88 21.31
CA VAL A 32 -14.40 13.57 21.41
C VAL A 32 -13.28 12.70 20.80
N VAL A 33 -13.16 11.45 21.24
CA VAL A 33 -12.27 10.50 20.60
C VAL A 33 -13.10 9.30 20.13
N PRO A 34 -13.43 9.25 18.84
CA PRO A 34 -14.22 8.12 18.34
C PRO A 34 -13.53 6.75 18.58
N PHE A 35 -12.21 6.67 18.50
CA PHE A 35 -11.56 5.35 18.56
C PHE A 35 -10.35 5.33 19.50
N PRO A 36 -10.60 5.28 20.82
CA PRO A 36 -9.53 5.31 21.83
C PRO A 36 -8.77 4.01 21.84
N VAL A 37 -7.58 4.02 22.43
CA VAL A 37 -6.74 2.83 22.47
C VAL A 37 -7.46 1.61 23.10
N SER A 38 -8.35 1.86 24.07
CA SER A 38 -9.05 0.76 24.73
C SER A 38 -9.98 -0.01 23.79
N ASN A 39 -10.35 0.55 22.65
CA ASN A 39 -11.08 -0.27 21.67
C ASN A 39 -10.21 -1.33 21.01
N ILE A 40 -8.89 -1.20 21.15
CA ILE A 40 -8.01 -2.27 20.65
C ILE A 40 -7.87 -3.28 21.76
N THR A 41 -8.79 -4.25 21.79
CA THR A 41 -8.84 -5.24 22.84
C THR A 41 -7.67 -6.22 22.69
N PRO A 42 -7.40 -7.01 23.75
CA PRO A 42 -6.38 -8.07 23.72
C PRO A 42 -6.51 -8.99 22.51
N ALA A 43 -7.75 -9.36 22.16
CA ALA A 43 -7.99 -10.21 20.99
C ALA A 43 -7.51 -9.50 19.69
N LYS A 44 -7.83 -8.22 19.54
CA LYS A 44 -7.33 -7.46 18.37
C LYS A 44 -5.80 -7.39 18.39
N ALA A 45 -5.25 -7.09 19.57
CA ALA A 45 -3.81 -6.96 19.74
C ALA A 45 -3.08 -8.23 19.32
N LYS A 46 -3.70 -9.37 19.58
CA LYS A 46 -3.10 -10.62 19.19
C LYS A 46 -3.15 -10.81 17.69
N GLN A 47 -4.09 -10.17 17.02
CA GLN A 47 -4.27 -10.39 15.61
C GLN A 47 -3.37 -9.48 14.75
N LEU A 48 -2.83 -8.42 15.36
CA LEU A 48 -1.94 -7.47 14.72
C LEU A 48 -0.48 -7.90 14.88
N THR A 49 0.39 -7.62 13.92
CA THR A 49 1.83 -7.73 14.20
C THR A 49 2.44 -6.36 14.43
N HIS A 50 1.83 -5.34 13.85
CA HIS A 50 2.33 -3.97 13.98
C HIS A 50 1.15 -3.03 14.04
N ILE A 51 1.28 -2.03 14.88
CA ILE A 51 0.41 -0.90 14.82
C ILE A 51 1.25 0.31 14.43
N ASN A 52 0.82 1.05 13.42
CA ASN A 52 1.58 2.22 12.99
C ASN A 52 0.91 3.44 13.58
N PHE A 53 1.46 3.97 14.66
CA PHE A 53 0.92 5.20 15.21
C PHE A 53 1.18 6.33 14.24
N SER A 54 0.17 7.15 13.95
CA SER A 54 0.33 8.19 12.94
C SER A 54 -0.39 9.49 13.32
N PHE A 55 0.11 10.68 12.93
CA PHE A 55 1.34 10.88 12.16
C PHE A 55 2.25 11.86 12.90
N LEU A 56 3.55 11.59 12.92
CA LEU A 56 4.51 12.63 13.25
C LEU A 56 4.94 13.28 11.93
N ASP A 57 5.84 14.27 12.03
CA ASP A 57 6.15 15.13 10.92
C ASP A 57 7.66 15.42 10.92
N ILE A 58 8.12 16.17 9.94
CA ILE A 58 9.47 16.74 9.98
C ILE A 58 9.33 18.27 10.10
N ASN A 59 9.92 18.86 11.14
CA ASN A 59 9.80 20.31 11.38
C ASN A 59 10.83 21.13 10.58
N SER A 60 10.86 22.45 10.77
CA SER A 60 11.71 23.34 9.94
C SER A 60 13.15 23.30 10.44
N ASN A 61 13.32 22.71 11.62
N ASN A 61 13.35 22.71 11.62
CA ASN A 61 14.64 22.32 12.09
CA ASN A 61 14.71 22.33 12.04
C ASN A 61 15.11 21.02 11.42
C ASN A 61 15.14 21.04 11.37
N LEU A 62 14.29 20.48 10.53
CA LEU A 62 14.64 19.26 9.75
C LEU A 62 14.88 18.05 10.66
N GLU A 63 14.05 17.97 11.69
CA GLU A 63 14.03 16.82 12.58
C GLU A 63 12.64 16.21 12.62
N CYS A 64 12.61 14.92 12.89
CA CYS A 64 11.36 14.23 13.19
C CYS A 64 10.77 14.89 14.44
N ALA A 65 9.51 15.29 14.40
CA ALA A 65 8.92 15.97 15.55
C ALA A 65 7.42 15.73 15.61
N TRP A 66 6.82 15.83 16.80
CA TRP A 66 5.37 15.88 16.91
C TRP A 66 4.89 17.18 16.38
N ASP A 67 3.65 17.24 15.90
CA ASP A 67 3.02 18.53 15.62
C ASP A 67 3.24 19.45 16.86
N PRO A 68 3.71 20.71 16.64
CA PRO A 68 4.07 21.51 17.83
C PRO A 68 2.87 21.89 18.72
N ALA A 69 1.64 21.82 18.22
CA ALA A 69 0.49 22.04 19.09
C ALA A 69 0.19 20.81 19.97
N THR A 70 1.00 19.76 19.85
CA THR A 70 0.69 18.56 20.62
C THR A 70 1.00 18.75 22.11
N ASN A 71 0.05 18.40 22.97
CA ASN A 71 0.33 18.34 24.41
C ASN A 71 1.22 17.12 24.70
N ASP A 72 2.43 17.35 25.16
CA ASP A 72 3.38 16.25 25.30
C ASP A 72 3.02 15.17 26.32
N ALA A 73 2.55 15.56 27.51
CA ALA A 73 2.08 14.56 28.49
C ALA A 73 0.95 13.68 27.93
N LYS A 74 -0.01 14.29 27.25
CA LYS A 74 -1.11 13.54 26.67
C LYS A 74 -0.60 12.59 25.58
N ALA A 75 0.32 13.08 24.74
CA ALA A 75 0.91 12.20 23.70
C ALA A 75 1.59 10.98 24.34
N ARG A 76 2.42 11.21 25.34
CA ARG A 76 3.10 10.07 25.98
C ARG A 76 2.09 9.10 26.56
N ASP A 77 1.03 9.64 27.14
CA ASP A 77 0.00 8.78 27.72
C ASP A 77 -0.68 7.87 26.67
N VAL A 78 -1.06 8.45 25.53
CA VAL A 78 -1.65 7.69 24.41
C VAL A 78 -0.69 6.59 23.93
N VAL A 79 0.57 6.96 23.70
CA VAL A 79 1.57 5.99 23.25
C VAL A 79 1.79 4.89 24.28
N ASN A 80 1.87 5.26 25.55
CA ASN A 80 1.99 4.26 26.63
C ASN A 80 0.85 3.24 26.66
N ARG A 81 -0.36 3.71 26.38
CA ARG A 81 -1.50 2.81 26.24
C ARG A 81 -1.30 1.82 25.10
N LEU A 82 -0.76 2.29 23.97
CA LEU A 82 -0.51 1.37 22.85
C LEU A 82 0.60 0.41 23.18
N THR A 83 1.72 0.89 23.73
CA THR A 83 2.80 -0.05 24.01
C THR A 83 2.40 -1.04 25.12
N ALA A 84 1.48 -0.65 26.00
CA ALA A 84 1.03 -1.60 27.04
C ALA A 84 0.35 -2.80 26.38
N LEU A 85 -0.20 -2.63 25.16
CA LEU A 85 -0.81 -3.77 24.46
C LEU A 85 0.16 -4.90 24.23
N LYS A 86 1.45 -4.60 24.24
CA LYS A 86 2.43 -5.63 23.97
C LYS A 86 2.41 -6.73 25.02
N ALA A 87 1.84 -6.45 26.20
CA ALA A 87 1.69 -7.47 27.25
C ALA A 87 0.89 -8.66 26.71
N HIS A 88 -0.02 -8.40 25.78
CA HIS A 88 -0.88 -9.44 25.20
C HIS A 88 -0.30 -10.14 24.01
N ASN A 89 0.82 -9.65 23.48
CA ASN A 89 1.36 -10.21 22.22
C ASN A 89 2.83 -9.86 22.09
N PRO A 90 3.72 -10.80 22.44
CA PRO A 90 5.16 -10.53 22.43
C PRO A 90 5.72 -10.35 21.00
N SER A 91 4.91 -10.59 19.98
CA SER A 91 5.34 -10.31 18.61
C SER A 91 4.98 -8.90 18.18
N LEU A 92 4.15 -8.22 18.97
CA LEU A 92 3.55 -6.98 18.50
C LEU A 92 4.51 -5.81 18.56
N ARG A 93 4.53 -5.00 17.50
CA ARG A 93 5.33 -3.77 17.52
C ARG A 93 4.43 -2.55 17.39
N ILE A 94 4.76 -1.49 18.12
CA ILE A 94 4.10 -0.21 17.93
C ILE A 94 5.09 0.69 17.14
N MET A 95 4.90 0.81 15.82
CA MET A 95 5.73 1.69 15.02
C MET A 95 5.20 3.11 15.16
N PHE A 96 5.98 4.12 14.76
CA PHE A 96 5.39 5.44 14.48
C PHE A 96 5.70 5.84 13.04
N SER A 97 4.76 6.55 12.42
CA SER A 97 4.89 6.99 11.03
C SER A 97 5.12 8.47 10.98
N ILE A 98 6.00 8.84 10.06
CA ILE A 98 6.35 10.20 9.78
C ILE A 98 5.81 10.53 8.40
N GLY A 99 5.00 11.58 8.30
CA GLY A 99 4.52 12.03 6.99
C GLY A 99 3.01 11.95 6.85
N GLY A 100 2.54 11.12 5.91
CA GLY A 100 1.14 11.19 5.50
C GLY A 100 0.93 12.23 4.40
N TRP A 101 -0.23 12.15 3.75
CA TRP A 101 -0.56 13.05 2.64
C TRP A 101 -0.60 14.49 3.08
N TYR A 102 -1.29 14.79 4.17
CA TYR A 102 -1.45 16.18 4.59
C TYR A 102 -0.09 16.88 4.82
N TYR A 103 0.82 16.23 5.56
CA TYR A 103 2.10 16.84 5.84
C TYR A 103 3.04 16.88 4.62
N SER A 104 3.05 15.80 3.83
CA SER A 104 4.17 15.51 2.93
C SER A 104 3.89 15.57 1.43
N ASN A 105 2.66 15.84 1.02
CA ASN A 105 2.40 15.85 -0.40
C ASN A 105 3.12 17.06 -1.02
N ASP A 106 3.25 17.09 -2.35
CA ASP A 106 4.02 18.14 -3.05
C ASP A 106 3.61 19.54 -2.62
N LEU A 107 2.34 19.73 -2.31
CA LEU A 107 1.84 21.02 -1.83
C LEU A 107 1.50 20.99 -0.35
N GLY A 108 1.97 19.98 0.37
CA GLY A 108 1.64 19.87 1.81
C GLY A 108 2.33 20.90 2.68
N VAL A 109 1.85 21.08 3.90
CA VAL A 109 2.35 22.15 4.75
C VAL A 109 3.83 21.99 5.16
N SER A 110 4.35 20.76 5.18
CA SER A 110 5.71 20.55 5.66
C SER A 110 6.62 20.04 4.56
N HIS A 111 6.14 20.06 3.32
CA HIS A 111 6.87 19.41 2.21
C HIS A 111 8.35 19.76 2.12
N ALA A 112 8.68 21.05 2.22
CA ALA A 112 10.03 21.52 2.03
C ALA A 112 10.95 20.88 3.11
N ASN A 113 10.40 20.57 4.29
CA ASN A 113 11.19 19.96 5.36
C ASN A 113 11.63 18.54 4.99
N TYR A 114 10.76 17.82 4.27
CA TYR A 114 11.10 16.48 3.76
C TYR A 114 12.24 16.56 2.74
N VAL A 115 12.08 17.46 1.78
CA VAL A 115 13.09 17.69 0.75
C VAL A 115 14.42 18.06 1.40
N ASN A 116 14.38 19.01 2.35
CA ASN A 116 15.60 19.52 2.94
C ASN A 116 16.25 18.52 3.89
N ALA A 117 15.43 17.73 4.59
CA ALA A 117 15.97 16.80 5.60
C ALA A 117 16.84 15.73 4.95
N VAL A 118 16.58 15.36 3.70
CA VAL A 118 17.30 14.23 3.09
C VAL A 118 18.37 14.72 2.11
N LYS A 119 18.54 16.03 2.06
CA LYS A 119 19.23 16.67 0.95
C LYS A 119 20.76 16.54 0.98
N THR A 120 21.34 16.52 2.17
CA THR A 120 22.80 16.53 2.28
C THR A 120 23.20 15.51 3.37
N PRO A 121 24.47 15.12 3.39
CA PRO A 121 24.92 14.15 4.41
C PRO A 121 24.63 14.63 5.82
N ALA A 122 24.97 15.87 6.15
CA ALA A 122 24.75 16.43 7.48
C ALA A 122 23.28 16.47 7.87
N ALA A 123 22.43 16.88 6.93
CA ALA A 123 20.98 16.92 7.17
C ALA A 123 20.47 15.50 7.41
N ARG A 124 20.94 14.54 6.63
CA ARG A 124 20.48 13.16 6.81
C ARG A 124 20.87 12.62 8.18
N THR A 125 22.06 12.98 8.66
CA THR A 125 22.52 12.51 9.95
C THR A 125 21.66 13.12 11.05
N LYS A 126 21.45 14.43 10.99
CA LYS A 126 20.59 15.07 11.98
C LYS A 126 19.16 14.46 11.95
N PHE A 127 18.63 14.23 10.74
CA PHE A 127 17.27 13.69 10.64
C PHE A 127 17.18 12.26 11.19
N ALA A 128 18.11 11.42 10.73
CA ALA A 128 18.15 10.05 11.18
C ALA A 128 18.25 9.96 12.69
N GLN A 129 19.15 10.76 13.27
CA GLN A 129 19.28 10.74 14.72
C GLN A 129 17.96 11.12 15.39
N SER A 130 17.27 12.14 14.88
CA SER A 130 16.01 12.56 15.51
C SER A 130 14.99 11.44 15.46
N CYS A 131 14.95 10.68 14.36
CA CYS A 131 14.00 9.57 14.28
C CYS A 131 14.24 8.52 15.38
N VAL A 132 15.49 8.11 15.59
CA VAL A 132 15.76 7.07 16.55
C VAL A 132 15.58 7.62 17.96
N ARG A 133 15.93 8.89 18.14
CA ARG A 133 15.72 9.53 19.43
C ARG A 133 14.23 9.60 19.80
N ILE A 134 13.40 9.99 18.83
CA ILE A 134 11.96 9.99 19.07
C ILE A 134 11.51 8.56 19.40
N MET A 135 11.99 7.59 18.63
CA MET A 135 11.58 6.22 18.86
C MET A 135 11.85 5.80 20.31
N LYS A 136 13.07 6.07 20.80
CA LYS A 136 13.48 5.67 22.14
C LYS A 136 12.78 6.46 23.25
N ASP A 137 12.61 7.76 23.03
CA ASP A 137 12.03 8.63 24.01
C ASP A 137 10.57 8.20 24.29
N TYR A 138 9.82 7.85 23.24
CA TYR A 138 8.40 7.54 23.40
C TYR A 138 8.13 6.05 23.57
N GLY A 139 9.13 5.20 23.38
CA GLY A 139 8.91 3.77 23.56
C GLY A 139 8.43 3.04 22.32
N PHE A 140 8.59 3.64 21.15
CA PHE A 140 8.18 3.03 19.90
C PHE A 140 9.11 1.88 19.50
N ASP A 141 8.67 1.01 18.58
CA ASP A 141 9.45 -0.20 18.21
C ASP A 141 10.06 -0.15 16.80
N GLY A 142 9.95 0.99 16.14
CA GLY A 142 10.42 1.11 14.78
C GLY A 142 9.87 2.36 14.12
N VAL A 143 10.32 2.60 12.89
CA VAL A 143 10.07 3.86 12.19
C VAL A 143 9.44 3.53 10.85
N ASP A 144 8.34 4.21 10.52
CA ASP A 144 7.68 4.08 9.23
C ASP A 144 7.71 5.44 8.56
N ILE A 145 8.12 5.50 7.29
CA ILE A 145 8.21 6.78 6.62
C ILE A 145 7.14 6.79 5.53
N ASP A 146 6.27 7.80 5.57
CA ASP A 146 5.14 7.87 4.65
C ASP A 146 5.22 9.20 3.93
N TRP A 147 6.27 9.38 3.15
CA TRP A 147 6.43 10.60 2.36
C TRP A 147 5.80 10.37 1.02
N GLU A 148 4.80 11.17 0.70
CA GLU A 148 4.06 10.94 -0.54
C GLU A 148 4.25 12.10 -1.52
N TYR A 149 5.33 12.17 -2.32
CA TYR A 149 6.38 11.17 -2.50
C TYR A 149 7.65 11.89 -2.92
N PRO A 150 8.83 11.37 -2.56
CA PRO A 150 10.06 12.01 -3.09
C PRO A 150 10.04 11.95 -4.63
N GLN A 151 10.47 13.03 -5.29
CA GLN A 151 10.44 13.14 -6.75
C GLN A 151 11.79 12.67 -7.20
N ALA A 152 11.87 12.21 -8.46
CA ALA A 152 13.07 11.54 -8.97
C ALA A 152 14.38 12.21 -8.47
N ALA A 153 14.41 13.53 -8.44
CA ALA A 153 15.62 14.23 -8.00
C ALA A 153 16.00 14.06 -6.52
N GLU A 154 15.04 13.69 -5.67
CA GLU A 154 15.20 13.65 -4.20
C GLU A 154 15.40 12.21 -3.75
N VAL A 155 15.33 11.30 -4.73
CA VAL A 155 15.28 9.88 -4.47
C VAL A 155 16.61 9.38 -3.85
N ASP A 156 17.74 9.84 -4.37
CA ASP A 156 19.07 9.47 -3.83
C ASP A 156 19.25 9.89 -2.37
N GLY A 157 18.75 11.07 -2.01
CA GLY A 157 18.81 11.58 -0.63
C GLY A 157 17.94 10.71 0.27
N PHE A 158 16.73 10.42 -0.22
CA PHE A 158 15.76 9.58 0.49
C PHE A 158 16.37 8.19 0.78
N ILE A 159 16.94 7.58 -0.24
CA ILE A 159 17.65 6.32 -0.11
C ILE A 159 18.77 6.39 0.94
N ALA A 160 19.64 7.40 0.83
CA ALA A 160 20.69 7.56 1.86
C ALA A 160 20.12 7.78 3.25
N ALA A 161 18.98 8.49 3.35
CA ALA A 161 18.35 8.71 4.66
C ALA A 161 17.87 7.38 5.27
N LEU A 162 17.23 6.53 4.45
CA LEU A 162 16.80 5.21 4.90
C LEU A 162 17.99 4.34 5.33
N GLN A 163 19.06 4.34 4.54
CA GLN A 163 20.27 3.60 4.90
C GLN A 163 20.80 4.04 6.26
N GLU A 164 20.81 5.34 6.49
CA GLU A 164 21.39 5.85 7.73
C GLU A 164 20.48 5.55 8.94
N ILE A 165 19.16 5.65 8.75
CA ILE A 165 18.25 5.25 9.80
C ILE A 165 18.41 3.79 10.11
N ARG A 166 18.56 2.98 9.07
CA ARG A 166 18.75 1.55 9.27
C ARG A 166 19.97 1.30 10.20
N THR A 167 21.10 1.96 9.93
CA THR A 167 22.30 1.71 10.72
C THR A 167 22.04 2.07 12.17
N LEU A 168 21.36 3.19 12.39
CA LEU A 168 21.13 3.67 13.74
C LEU A 168 20.12 2.78 14.49
N LEU A 169 19.14 2.26 13.78
CA LEU A 169 18.22 1.27 14.35
C LEU A 169 18.97 0.00 14.76
N ASN A 170 19.89 -0.46 13.90
CA ASN A 170 20.67 -1.68 14.18
C ASN A 170 21.55 -1.49 15.43
N GLN A 171 22.13 -0.29 15.59
CA GLN A 171 22.91 0.02 16.77
C GLN A 171 22.03 -0.07 18.00
N GLN A 172 20.82 0.49 17.89
CA GLN A 172 19.91 0.53 18.99
C GLN A 172 19.45 -0.89 19.37
N THR A 173 19.20 -1.74 18.38
CA THR A 173 18.84 -3.12 18.63
C THR A 173 19.95 -3.83 19.44
N ILE A 174 21.21 -3.58 19.08
CA ILE A 174 22.31 -4.16 19.83
C ILE A 174 22.36 -3.58 21.25
N ALA A 175 22.29 -2.26 21.36
CA ALA A 175 22.38 -1.62 22.65
C ALA A 175 21.31 -2.13 23.61
N ASP A 176 20.10 -2.35 23.11
CA ASP A 176 18.99 -2.79 23.95
C ASP A 176 18.84 -4.31 24.02
N GLY A 177 19.70 -5.08 23.36
CA GLY A 177 19.55 -6.52 23.35
C GLY A 177 18.23 -7.00 22.77
N ARG A 178 17.76 -6.33 21.70
CA ARG A 178 16.45 -6.57 21.11
C ARG A 178 16.44 -7.53 19.94
N GLN A 179 17.43 -8.42 19.87
CA GLN A 179 17.49 -9.36 18.77
C GLN A 179 16.21 -10.22 18.62
N ALA A 180 15.45 -10.40 19.69
CA ALA A 180 14.20 -11.19 19.59
C ALA A 180 13.12 -10.36 18.93
N LEU A 181 13.21 -9.05 19.03
CA LEU A 181 12.23 -8.18 18.38
C LEU A 181 12.95 -6.91 17.84
N PRO A 182 13.77 -7.09 16.78
CA PRO A 182 14.65 -5.97 16.41
C PRO A 182 13.86 -4.71 16.01
N TYR A 183 14.42 -3.54 16.26
CA TYR A 183 13.78 -2.33 15.76
C TYR A 183 13.67 -2.35 14.26
N GLN A 184 12.52 -1.91 13.74
CA GLN A 184 12.26 -2.06 12.31
C GLN A 184 12.13 -0.72 11.55
N LEU A 185 12.28 -0.77 10.23
CA LEU A 185 12.12 0.40 9.35
C LEU A 185 11.20 0.00 8.20
N THR A 186 10.13 0.76 7.96
CA THR A 186 9.27 0.47 6.82
C THR A 186 8.98 1.75 6.08
N ILE A 187 8.41 1.64 4.89
CA ILE A 187 7.80 2.83 4.30
C ILE A 187 6.44 2.46 3.77
N ALA A 188 5.61 3.48 3.63
CA ALA A 188 4.35 3.33 2.92
C ALA A 188 4.71 3.65 1.46
N GLY A 189 4.57 2.70 0.54
CA GLY A 189 4.98 2.94 -0.87
C GLY A 189 3.78 3.22 -1.75
N ALA A 190 4.02 3.90 -2.88
CA ALA A 190 2.99 4.10 -3.92
C ALA A 190 2.44 2.75 -4.33
N GLY A 191 1.13 2.72 -4.58
CA GLY A 191 0.45 1.51 -5.00
C GLY A 191 -0.11 1.64 -6.41
N GLY A 192 0.30 2.70 -7.12
CA GLY A 192 -0.13 2.90 -8.50
C GLY A 192 1.04 3.49 -9.30
N ALA A 193 1.07 3.13 -10.58
CA ALA A 193 2.24 3.40 -11.43
C ALA A 193 2.66 4.87 -11.54
N PHE A 194 1.70 5.79 -11.50
CA PHE A 194 2.02 7.19 -11.66
C PHE A 194 2.91 7.73 -10.55
N PHE A 195 2.54 7.55 -9.29
CA PHE A 195 3.48 7.95 -8.24
C PHE A 195 4.68 7.04 -8.13
N LEU A 196 4.47 5.76 -8.36
CA LEU A 196 5.55 4.81 -8.24
C LEU A 196 6.71 5.17 -9.22
N SER A 197 6.37 5.74 -10.38
CA SER A 197 7.39 6.03 -11.38
C SER A 197 8.38 7.04 -10.86
N ARG A 198 8.04 7.79 -9.82
CA ARG A 198 9.02 8.73 -9.26
C ARG A 198 10.31 8.07 -8.75
N TYR A 199 10.22 6.87 -8.19
CA TYR A 199 11.41 6.26 -7.62
C TYR A 199 11.59 4.83 -8.11
N TYR A 200 10.75 4.42 -9.05
CA TYR A 200 10.74 3.03 -9.52
C TYR A 200 12.10 2.49 -9.97
N SER A 201 12.89 3.30 -10.69
CA SER A 201 14.17 2.83 -11.20
C SER A 201 15.12 2.44 -10.06
N LYS A 202 14.93 3.01 -8.87
CA LYS A 202 15.83 2.72 -7.75
C LYS A 202 15.17 1.89 -6.65
N LEU A 203 14.14 1.13 -7.03
CA LEU A 203 13.29 0.39 -6.10
C LEU A 203 14.12 -0.53 -5.21
N ALA A 204 15.09 -1.25 -5.79
CA ALA A 204 15.93 -2.16 -4.99
C ALA A 204 16.71 -1.43 -3.90
N GLN A 205 17.21 -0.24 -4.18
CA GLN A 205 17.95 0.51 -3.14
C GLN A 205 17.01 1.02 -2.05
N ILE A 206 15.75 1.31 -2.44
CA ILE A 206 14.75 1.80 -1.51
C ILE A 206 14.35 0.72 -0.53
N VAL A 207 14.17 -0.50 -1.03
CA VAL A 207 13.67 -1.64 -0.27
C VAL A 207 14.78 -2.29 0.56
N ALA A 208 16.05 -2.20 0.14
CA ALA A 208 17.17 -2.92 0.81
C ALA A 208 17.23 -2.68 2.33
N PRO A 209 17.12 -1.42 2.75
CA PRO A 209 17.17 -1.08 4.18
C PRO A 209 15.89 -1.34 4.97
N LEU A 210 14.82 -1.73 4.27
CA LEU A 210 13.52 -1.88 4.93
C LEU A 210 13.24 -3.31 5.37
N ASP A 211 12.53 -3.46 6.48
CA ASP A 211 11.88 -4.74 6.76
C ASP A 211 10.70 -5.00 5.81
N TYR A 212 9.96 -3.95 5.48
CA TYR A 212 8.81 -4.09 4.58
C TYR A 212 8.59 -2.80 3.80
N ILE A 213 8.11 -2.96 2.58
CA ILE A 213 7.54 -1.82 1.88
C ILE A 213 6.03 -2.07 1.83
N ASN A 214 5.23 -1.16 2.43
CA ASN A 214 3.79 -1.35 2.57
C ASN A 214 3.09 -0.61 1.43
N LEU A 215 2.65 -1.37 0.43
CA LEU A 215 2.09 -0.79 -0.79
C LEU A 215 0.73 -0.17 -0.51
N MET A 216 0.55 1.11 -0.82
CA MET A 216 -0.77 1.72 -0.70
C MET A 216 -1.65 1.33 -1.87
N THR A 217 -2.01 0.04 -1.90
CA THR A 217 -2.81 -0.48 -3.01
C THR A 217 -4.30 -0.22 -2.77
N TYR A 218 -4.63 1.07 -2.69
CA TYR A 218 -5.99 1.54 -2.53
C TYR A 218 -5.96 3.02 -2.94
N ASP A 219 -7.10 3.69 -2.88
CA ASP A 219 -7.17 5.02 -3.47
C ASP A 219 -6.78 4.98 -4.96
N LEU A 220 -7.02 3.86 -5.64
CA LEU A 220 -6.75 3.79 -7.07
C LEU A 220 -7.91 4.37 -7.90
N ALA A 221 -8.97 4.83 -7.22
CA ALA A 221 -10.05 5.57 -7.85
C ALA A 221 -10.47 6.59 -6.85
N GLY A 222 -11.15 7.63 -7.32
CA GLY A 222 -11.47 8.76 -6.46
C GLY A 222 -12.07 9.85 -7.32
N PRO A 223 -12.45 10.96 -6.68
CA PRO A 223 -13.16 12.02 -7.41
C PRO A 223 -12.29 12.73 -8.46
N TRP A 224 -10.97 12.55 -8.40
CA TRP A 224 -10.08 13.16 -9.39
C TRP A 224 -10.12 12.41 -10.69
N GLU A 225 -10.78 11.24 -10.74
CA GLU A 225 -10.87 10.50 -12.02
C GLU A 225 -12.21 10.81 -12.67
N LYS A 226 -12.27 10.77 -13.99
CA LYS A 226 -13.49 11.12 -14.68
C LYS A 226 -14.63 10.08 -14.49
N ILE A 227 -14.23 8.82 -14.33
CA ILE A 227 -15.10 7.63 -14.43
C ILE A 227 -15.00 6.92 -13.06
N THR A 228 -16.13 6.54 -12.47
CA THR A 228 -16.07 5.76 -11.24
C THR A 228 -15.35 4.46 -11.50
N ASN A 229 -14.69 3.93 -10.48
CA ASN A 229 -14.00 2.67 -10.60
C ASN A 229 -13.77 2.09 -9.21
N HIS A 230 -13.43 0.81 -9.14
CA HIS A 230 -12.99 0.21 -7.86
C HIS A 230 -11.69 0.81 -7.42
N GLN A 231 -11.59 1.17 -6.13
CA GLN A 231 -10.37 1.80 -5.61
C GLN A 231 -9.26 0.78 -5.28
N ALA A 232 -9.60 -0.51 -5.27
CA ALA A 232 -8.61 -1.54 -4.93
C ALA A 232 -8.95 -2.89 -5.56
N ALA A 233 -9.28 -2.86 -6.85
CA ALA A 233 -9.57 -4.09 -7.58
C ALA A 233 -8.36 -5.01 -7.45
N LEU A 234 -8.58 -6.29 -7.17
CA LEU A 234 -7.44 -7.20 -7.13
C LEU A 234 -6.94 -7.46 -8.56
N PHE A 235 -7.87 -7.76 -9.48
CA PHE A 235 -7.51 -8.04 -10.88
C PHE A 235 -8.32 -7.10 -11.72
N GLY A 236 -8.03 -7.02 -13.01
CA GLY A 236 -8.68 -6.03 -13.88
C GLY A 236 -9.99 -6.49 -14.49
N ASP A 237 -10.85 -5.53 -14.82
CA ASP A 237 -12.13 -5.78 -15.49
C ASP A 237 -11.98 -5.11 -16.85
N ALA A 238 -12.06 -5.88 -17.93
CA ALA A 238 -11.91 -5.28 -19.25
C ALA A 238 -13.02 -4.27 -19.54
N ALA A 239 -14.12 -4.27 -18.79
CA ALA A 239 -15.10 -3.20 -19.03
C ALA A 239 -14.67 -1.91 -18.32
N GLY A 240 -13.66 -1.99 -17.45
CA GLY A 240 -13.30 -0.81 -16.65
C GLY A 240 -12.33 0.10 -17.39
N PRO A 241 -12.02 1.28 -16.83
CA PRO A 241 -11.04 2.14 -17.48
C PRO A 241 -9.61 1.52 -17.45
N THR A 242 -8.73 2.01 -18.32
CA THR A 242 -7.33 1.60 -18.27
C THR A 242 -6.46 2.86 -18.30
N PHE A 243 -5.20 2.71 -17.98
CA PHE A 243 -4.34 3.85 -17.74
C PHE A 243 -3.01 3.69 -18.49
N TYR A 244 -2.41 4.80 -18.82
CA TYR A 244 -1.10 4.82 -19.41
C TYR A 244 -0.12 4.22 -18.39
N ASN A 245 0.78 3.34 -18.85
CA ASN A 245 1.78 2.73 -17.96
C ASN A 245 3.02 3.64 -17.87
N ALA A 246 3.03 4.59 -16.92
CA ALA A 246 4.13 5.54 -16.74
C ALA A 246 5.52 4.92 -16.46
N LEU A 247 5.56 3.69 -15.94
CA LEU A 247 6.83 3.03 -15.67
C LEU A 247 7.67 2.86 -16.94
N ARG A 248 7.04 2.74 -18.11
CA ARG A 248 7.80 2.55 -19.36
C ARG A 248 8.65 3.80 -19.73
N GLU A 249 8.35 4.92 -19.07
CA GLU A 249 9.13 6.14 -19.24
C GLU A 249 10.15 6.38 -18.14
N ALA A 250 10.27 5.44 -17.21
CA ALA A 250 11.22 5.60 -16.12
C ALA A 250 12.63 5.48 -16.66
N ASN A 251 13.60 6.05 -15.96
CA ASN A 251 14.99 6.03 -16.42
C ASN A 251 15.69 4.68 -16.08
N LEU A 252 15.38 3.64 -16.85
CA LEU A 252 15.77 2.28 -16.52
C LEU A 252 16.96 1.86 -17.37
N GLY A 253 17.11 2.50 -18.53
CA GLY A 253 18.14 2.15 -19.50
C GLY A 253 17.80 0.86 -20.22
N TRP A 254 16.53 0.44 -20.21
CA TRP A 254 16.19 -0.82 -20.88
C TRP A 254 15.93 -0.63 -22.37
N SER A 255 15.87 -1.74 -23.10
CA SER A 255 15.63 -1.68 -24.54
C SER A 255 14.11 -1.61 -24.84
N TRP A 256 13.75 -1.34 -26.09
CA TRP A 256 12.35 -1.30 -26.46
C TRP A 256 11.64 -2.60 -26.10
N GLU A 257 12.25 -3.74 -26.42
CA GLU A 257 11.58 -5.02 -26.15
C GLU A 257 11.48 -5.24 -24.64
N GLU A 258 12.51 -4.85 -23.91
CA GLU A 258 12.51 -5.06 -22.46
C GLU A 258 11.41 -4.22 -21.85
N LEU A 259 11.36 -2.95 -22.23
CA LEU A 259 10.32 -2.05 -21.76
C LEU A 259 8.93 -2.57 -22.10
N THR A 260 8.73 -2.98 -23.34
CA THR A 260 7.41 -3.40 -23.79
C THR A 260 6.97 -4.64 -22.99
N ARG A 261 7.89 -5.56 -22.78
CA ARG A 261 7.53 -6.82 -22.12
C ARG A 261 7.21 -6.57 -20.63
N ALA A 262 7.82 -5.57 -20.02
CA ALA A 262 7.60 -5.29 -18.60
C ALA A 262 6.37 -4.43 -18.37
N PHE A 263 6.08 -3.53 -19.31
CA PHE A 263 5.12 -2.47 -19.04
C PHE A 263 4.02 -2.36 -20.09
N PRO A 264 3.11 -3.35 -20.14
CA PRO A 264 2.05 -3.17 -21.12
C PRO A 264 1.26 -1.88 -20.87
N SER A 265 0.70 -1.32 -21.93
CA SER A 265 0.08 -0.03 -21.83
C SER A 265 -0.87 0.15 -22.98
N PRO A 266 -2.12 0.57 -22.70
CA PRO A 266 -2.60 0.86 -21.33
C PRO A 266 -2.77 -0.41 -20.49
N PHE A 267 -3.04 -0.26 -19.19
CA PHE A 267 -3.13 -1.42 -18.32
C PHE A 267 -4.20 -1.16 -17.28
N SER A 268 -4.63 -2.21 -16.57
CA SER A 268 -5.61 -2.05 -15.52
C SER A 268 -4.93 -1.71 -14.20
N LEU A 269 -5.35 -0.60 -13.58
CA LEU A 269 -4.78 -0.11 -12.30
C LEU A 269 -5.31 -0.90 -11.09
N THR A 270 -4.60 -1.96 -10.71
CA THR A 270 -5.10 -2.94 -9.75
C THR A 270 -4.03 -3.27 -8.71
N VAL A 271 -4.44 -3.97 -7.66
CA VAL A 271 -3.53 -4.39 -6.65
C VAL A 271 -2.45 -5.33 -7.25
N ASP A 272 -2.90 -6.28 -8.07
CA ASP A 272 -2.01 -7.26 -8.68
C ASP A 272 -0.99 -6.53 -9.58
N ALA A 273 -1.40 -5.47 -10.27
CA ALA A 273 -0.44 -4.68 -11.10
C ALA A 273 0.70 -4.10 -10.25
N ALA A 274 0.34 -3.41 -9.17
CA ALA A 274 1.37 -2.83 -8.29
C ALA A 274 2.28 -3.90 -7.71
N VAL A 275 1.71 -5.01 -7.24
CA VAL A 275 2.57 -6.06 -6.68
C VAL A 275 3.56 -6.58 -7.76
N GLN A 276 3.01 -6.86 -8.94
CA GLN A 276 3.83 -7.44 -10.01
C GLN A 276 4.88 -6.45 -10.43
N GLN A 277 4.52 -5.17 -10.51
CA GLN A 277 5.50 -4.14 -10.89
C GLN A 277 6.70 -4.14 -9.92
N HIS A 278 6.44 -4.45 -8.64
CA HIS A 278 7.53 -4.51 -7.66
C HIS A 278 8.38 -5.74 -7.87
N LEU A 279 7.73 -6.88 -8.07
CA LEU A 279 8.41 -8.17 -8.27
C LEU A 279 9.27 -8.22 -9.55
N MET A 280 8.88 -7.43 -10.56
CA MET A 280 9.68 -7.35 -11.81
C MET A 280 11.06 -6.79 -11.61
N MET A 281 11.26 -6.06 -10.51
CA MET A 281 12.55 -5.42 -10.28
C MET A 281 13.49 -6.37 -9.57
N GLU A 282 14.69 -6.49 -10.11
CA GLU A 282 15.72 -7.30 -9.47
C GLU A 282 16.09 -6.81 -8.06
N GLY A 283 16.23 -7.72 -7.11
CA GLY A 283 16.65 -7.32 -5.78
C GLY A 283 15.49 -6.83 -4.92
N VAL A 284 14.25 -6.99 -5.38
CA VAL A 284 13.07 -6.64 -4.56
C VAL A 284 12.37 -7.95 -4.11
N PRO A 285 12.67 -8.44 -2.89
CA PRO A 285 12.16 -9.78 -2.57
C PRO A 285 10.68 -9.74 -2.22
N SER A 286 9.96 -10.78 -2.63
CA SER A 286 8.51 -10.85 -2.39
C SER A 286 8.19 -10.74 -0.89
N ALA A 287 9.06 -11.31 -0.02
CA ALA A 287 8.79 -11.30 1.44
C ALA A 287 8.78 -9.90 2.04
N LYS A 288 9.35 -8.91 1.34
CA LYS A 288 9.35 -7.55 1.90
C LYS A 288 8.12 -6.73 1.44
N ILE A 289 7.38 -7.26 0.48
CA ILE A 289 6.26 -6.53 -0.11
C ILE A 289 5.00 -6.80 0.70
N VAL A 290 4.35 -5.76 1.20
CA VAL A 290 3.13 -5.92 1.99
C VAL A 290 1.99 -5.24 1.21
N MET A 291 0.85 -5.93 1.11
CA MET A 291 -0.28 -5.41 0.37
C MET A 291 -1.16 -4.57 1.27
N GLY A 292 -1.26 -3.27 0.98
CA GLY A 292 -2.20 -2.43 1.69
C GLY A 292 -3.63 -2.71 1.28
N VAL A 293 -4.58 -2.60 2.22
CA VAL A 293 -6.00 -2.68 1.90
C VAL A 293 -6.73 -1.55 2.63
N PRO A 294 -7.86 -1.08 2.07
CA PRO A 294 -8.59 -0.02 2.76
C PRO A 294 -9.67 -0.59 3.68
N PHE A 295 -9.83 0.01 4.86
CA PHE A 295 -10.94 -0.34 5.77
C PHE A 295 -12.06 0.72 5.59
N TYR A 296 -12.05 1.40 4.44
CA TYR A 296 -13.04 2.43 4.12
C TYR A 296 -13.44 2.32 2.64
N GLY A 297 -14.56 2.92 2.28
CA GLY A 297 -14.96 2.95 0.89
C GLY A 297 -14.89 4.40 0.42
N ARG A 298 -14.80 4.56 -0.91
CA ARG A 298 -14.85 5.85 -1.57
C ARG A 298 -16.21 5.98 -2.28
N ALA A 299 -16.92 7.07 -1.97
CA ALA A 299 -18.29 7.29 -2.44
C ALA A 299 -18.33 8.36 -3.52
N PHE A 300 -19.18 8.11 -4.51
CA PHE A 300 -19.39 9.02 -5.64
C PHE A 300 -20.91 9.32 -5.76
N LYS A 301 -21.24 10.52 -6.20
CA LYS A 301 -22.64 10.87 -6.49
C LYS A 301 -22.78 11.19 -7.98
N GLY A 302 -24.01 11.43 -8.41
CA GLY A 302 -24.30 11.76 -9.80
C GLY A 302 -23.93 10.66 -10.79
N VAL A 303 -24.02 9.39 -10.37
CA VAL A 303 -23.70 8.30 -11.27
C VAL A 303 -24.95 7.75 -12.01
N SER A 304 -24.75 7.28 -13.23
CA SER A 304 -25.81 6.72 -14.07
C SER A 304 -25.95 5.21 -13.83
N GLY A 305 -27.03 4.64 -14.37
CA GLY A 305 -27.28 3.23 -14.17
C GLY A 305 -26.65 2.33 -15.22
N GLY A 306 -27.14 1.10 -15.28
CA GLY A 306 -26.73 0.17 -16.30
C GLY A 306 -25.76 -0.87 -15.79
N ASN A 307 -24.75 -0.43 -15.04
CA ASN A 307 -23.76 -1.36 -14.55
C ASN A 307 -23.47 -1.18 -13.04
N GLY A 308 -24.53 -0.93 -12.26
CA GLY A 308 -24.41 -0.85 -10.82
C GLY A 308 -23.63 0.39 -10.40
N GLY A 309 -23.52 1.36 -11.30
CA GLY A 309 -22.78 2.58 -11.01
C GLY A 309 -21.29 2.49 -11.32
N GLN A 310 -20.82 1.34 -11.81
CA GLN A 310 -19.40 1.18 -12.13
C GLN A 310 -19.07 1.86 -13.48
N TYR A 311 -17.94 2.57 -13.54
CA TYR A 311 -17.39 3.07 -14.83
C TYR A 311 -18.33 4.12 -15.41
N SER A 312 -18.87 4.95 -14.54
CA SER A 312 -19.85 5.95 -14.91
C SER A 312 -19.25 7.33 -14.69
N SER A 313 -19.66 8.32 -15.46
CA SER A 313 -19.31 9.68 -15.08
C SER A 313 -20.03 9.99 -13.75
N HIS A 314 -19.65 11.09 -13.12
CA HIS A 314 -20.13 11.34 -11.78
C HIS A 314 -19.95 12.81 -11.49
N SER A 315 -20.59 13.28 -10.43
N SER A 315 -20.60 13.31 -10.44
CA SER A 315 -20.52 14.68 -10.06
CA SER A 315 -20.47 14.73 -10.05
C SER A 315 -20.04 14.79 -8.62
C SER A 315 -19.93 14.91 -8.65
N THR A 316 -18.95 14.09 -8.29
CA THR A 316 -18.41 14.14 -6.95
C THR A 316 -17.36 15.25 -6.82
N PRO A 317 -17.55 16.21 -5.90
CA PRO A 317 -16.53 17.26 -5.81
C PRO A 317 -15.15 16.66 -5.46
N GLY A 318 -14.09 17.18 -6.06
CA GLY A 318 -12.74 16.75 -5.71
C GLY A 318 -12.02 17.72 -4.78
N GLU A 319 -12.65 18.84 -4.42
CA GLU A 319 -11.91 19.88 -3.68
C GLU A 319 -11.69 19.46 -2.24
N ASP A 320 -10.74 20.10 -1.59
CA ASP A 320 -10.52 19.91 -0.18
C ASP A 320 -10.36 21.26 0.52
N PRO A 321 -11.12 21.52 1.60
CA PRO A 321 -12.06 20.58 2.22
C PRO A 321 -13.30 20.44 1.37
N TYR A 322 -14.14 19.46 1.72
CA TYR A 322 -15.38 19.25 1.01
C TYR A 322 -16.10 20.59 0.92
N PRO A 323 -16.51 21.00 -0.28
CA PRO A 323 -16.80 22.42 -0.45
C PRO A 323 -18.18 22.90 -0.02
N ASN A 324 -19.07 22.03 0.45
CA ASN A 324 -20.33 22.56 1.00
C ASN A 324 -20.83 21.67 2.12
N ALA A 325 -22.08 21.87 2.54
CA ALA A 325 -22.65 21.12 3.64
C ALA A 325 -23.68 20.10 3.16
N ASP A 326 -23.68 19.80 1.86
CA ASP A 326 -24.57 18.77 1.37
C ASP A 326 -23.90 17.41 1.65
N TYR A 327 -24.36 16.71 2.70
CA TYR A 327 -23.80 15.39 3.05
C TYR A 327 -24.71 14.34 2.46
N TRP A 328 -24.44 13.99 1.20
CA TRP A 328 -25.41 13.27 0.38
C TRP A 328 -25.25 11.77 0.45
N LEU A 329 -24.30 11.27 1.22
CA LEU A 329 -24.17 9.83 1.31
C LEU A 329 -25.20 9.36 2.34
N VAL A 330 -26.38 8.98 1.84
CA VAL A 330 -27.56 8.64 2.66
C VAL A 330 -27.15 7.65 3.74
N GLY A 331 -27.48 7.97 5.00
CA GLY A 331 -27.24 7.04 6.11
C GLY A 331 -25.84 7.10 6.70
N CYS A 332 -24.96 7.92 6.13
CA CYS A 332 -23.60 7.96 6.66
C CYS A 332 -23.48 8.98 7.80
N ASP A 333 -23.66 8.55 9.05
CA ASP A 333 -23.61 9.47 10.19
C ASP A 333 -22.20 9.98 10.42
N GLU A 334 -21.23 9.09 10.31
CA GLU A 334 -19.84 9.52 10.43
C GLU A 334 -19.49 10.58 9.38
N CYS A 335 -20.08 10.50 8.18
CA CYS A 335 -19.84 11.55 7.15
C CYS A 335 -20.27 12.91 7.64
N VAL A 336 -21.38 12.95 8.37
CA VAL A 336 -21.88 14.22 8.90
C VAL A 336 -20.90 14.73 9.95
N ARG A 337 -20.46 13.83 10.82
CA ARG A 337 -19.49 14.17 11.86
C ARG A 337 -18.22 14.72 11.21
N ASP A 338 -17.74 14.08 10.15
CA ASP A 338 -16.47 14.46 9.55
C ASP A 338 -16.68 15.44 8.40
N LYS A 339 -17.91 15.89 8.18
CA LYS A 339 -18.21 16.86 7.11
C LYS A 339 -17.70 16.47 5.72
N ASP A 340 -17.86 15.21 5.35
CA ASP A 340 -17.38 14.79 4.06
C ASP A 340 -18.09 13.50 3.68
N PRO A 341 -18.93 13.56 2.63
CA PRO A 341 -19.69 12.36 2.25
C PRO A 341 -18.89 11.45 1.34
N ARG A 342 -17.62 11.77 1.11
CA ARG A 342 -16.86 11.03 0.07
C ARG A 342 -16.06 9.81 0.55
N ILE A 343 -15.92 9.66 1.86
CA ILE A 343 -15.19 8.54 2.50
C ILE A 343 -16.12 7.98 3.59
N ALA A 344 -16.33 6.66 3.59
CA ALA A 344 -17.11 6.02 4.65
C ALA A 344 -16.39 4.78 5.17
N SER A 345 -16.16 4.73 6.48
CA SER A 345 -15.57 3.54 7.09
C SER A 345 -16.39 2.29 6.79
N TYR A 346 -15.70 1.14 6.74
CA TYR A 346 -16.41 -0.13 6.68
C TYR A 346 -17.46 -0.22 7.83
N ARG A 347 -17.08 0.20 9.04
CA ARG A 347 -18.00 0.25 10.17
C ARG A 347 -19.35 0.91 9.78
N GLN A 348 -19.27 2.08 9.15
CA GLN A 348 -20.43 2.84 8.74
C GLN A 348 -21.16 2.19 7.56
N LEU A 349 -20.41 1.64 6.61
CA LEU A 349 -21.00 0.99 5.45
C LEU A 349 -21.88 -0.22 5.81
N GLU A 350 -21.45 -1.02 6.77
CA GLU A 350 -22.31 -2.07 7.28
C GLU A 350 -23.63 -1.50 7.74
N GLN A 351 -23.60 -0.43 8.52
CA GLN A 351 -24.83 0.14 9.01
C GLN A 351 -25.72 0.68 7.88
N MET A 352 -25.09 1.19 6.81
CA MET A 352 -25.81 1.81 5.69
C MET A 352 -26.53 0.70 4.92
N LEU A 353 -25.87 -0.44 4.81
N LEU A 353 -25.89 -0.44 4.83
CA LEU A 353 -26.47 -1.60 4.16
CA LEU A 353 -26.45 -1.60 4.16
C LEU A 353 -27.65 -2.14 4.98
C LEU A 353 -27.60 -2.19 4.98
N GLN A 354 -27.49 -2.14 6.30
CA GLN A 354 -28.49 -2.74 7.17
C GLN A 354 -29.74 -1.87 7.33
N GLY A 355 -29.57 -0.54 7.29
CA GLY A 355 -30.71 0.37 7.48
C GLY A 355 -31.49 0.49 6.18
N ASN A 356 -32.61 1.19 6.23
CA ASN A 356 -33.48 1.41 5.07
C ASN A 356 -32.96 2.60 4.30
N TYR A 357 -31.79 2.49 3.68
CA TYR A 357 -31.23 3.68 3.09
C TYR A 357 -31.16 3.58 1.57
N GLY A 358 -31.56 2.43 1.01
CA GLY A 358 -31.62 2.27 -0.44
C GLY A 358 -30.40 1.72 -1.19
N TYR A 359 -29.41 1.15 -0.49
CA TYR A 359 -28.23 0.58 -1.15
C TYR A 359 -28.42 -0.90 -1.46
N GLN A 360 -27.90 -1.34 -2.60
CA GLN A 360 -27.68 -2.74 -2.86
C GLN A 360 -26.17 -3.04 -2.76
N ARG A 361 -25.81 -4.15 -2.14
CA ARG A 361 -24.43 -4.61 -2.19
C ARG A 361 -24.25 -5.44 -3.42
N LEU A 362 -23.31 -5.05 -4.28
CA LEU A 362 -23.06 -5.80 -5.52
C LEU A 362 -21.63 -6.35 -5.46
N TRP A 363 -21.32 -7.30 -6.35
CA TRP A 363 -20.02 -7.96 -6.34
C TRP A 363 -19.45 -8.01 -7.74
N ASN A 364 -18.20 -7.62 -7.94
CA ASN A 364 -17.61 -7.75 -9.28
C ASN A 364 -16.70 -8.97 -9.21
N ASP A 365 -17.02 -10.02 -9.97
CA ASP A 365 -16.28 -11.28 -9.86
CA ASP A 365 -16.26 -11.26 -9.82
C ASP A 365 -14.98 -11.27 -10.65
N LYS A 366 -14.72 -10.20 -11.38
CA LYS A 366 -13.41 -10.05 -12.05
C LYS A 366 -12.46 -9.36 -11.08
N THR A 367 -12.88 -8.23 -10.52
CA THR A 367 -12.03 -7.50 -9.58
C THR A 367 -11.98 -8.16 -8.20
N LYS A 368 -12.97 -9.03 -7.90
CA LYS A 368 -13.10 -9.69 -6.58
C LYS A 368 -13.29 -8.63 -5.48
N THR A 369 -14.13 -7.63 -5.77
CA THR A 369 -14.44 -6.61 -4.77
C THR A 369 -15.92 -6.25 -4.79
N PRO A 370 -16.43 -5.79 -3.63
CA PRO A 370 -17.82 -5.38 -3.48
C PRO A 370 -18.02 -3.92 -3.79
N TYR A 371 -19.26 -3.53 -4.05
CA TYR A 371 -19.54 -2.12 -4.18
C TYR A 371 -21.00 -1.90 -3.80
N LEU A 372 -21.31 -0.70 -3.31
CA LEU A 372 -22.70 -0.34 -3.08
C LEU A 372 -23.19 0.51 -4.26
N TYR A 373 -24.46 0.32 -4.59
CA TYR A 373 -25.14 1.11 -5.61
C TYR A 373 -26.48 1.57 -5.01
N HIS A 374 -26.70 2.88 -5.09
CA HIS A 374 -27.95 3.50 -4.70
C HIS A 374 -28.62 3.92 -5.98
N ALA A 375 -29.54 3.09 -6.48
CA ALA A 375 -30.24 3.33 -7.76
C ALA A 375 -31.05 4.62 -7.74
N GLN A 376 -31.72 4.91 -6.63
CA GLN A 376 -32.57 6.08 -6.63
C GLN A 376 -31.80 7.42 -6.71
N ASN A 377 -30.74 7.61 -5.92
CA ASN A 377 -30.01 8.89 -5.94
C ASN A 377 -28.81 8.93 -6.87
N GLY A 378 -28.44 7.78 -7.43
CA GLY A 378 -27.26 7.66 -8.30
C GLY A 378 -25.97 7.75 -7.49
N LEU A 379 -25.76 6.79 -6.57
CA LEU A 379 -24.56 6.74 -5.76
C LEU A 379 -23.84 5.41 -5.96
N PHE A 380 -22.53 5.48 -5.82
CA PHE A 380 -21.66 4.32 -5.99
C PHE A 380 -20.57 4.39 -4.93
N VAL A 381 -20.32 3.27 -4.26
CA VAL A 381 -19.28 3.16 -3.24
C VAL A 381 -18.40 1.97 -3.51
N THR A 382 -17.08 2.22 -3.59
CA THR A 382 -16.09 1.15 -3.76
C THR A 382 -15.39 0.90 -2.41
N TYR A 383 -15.39 -0.36 -1.97
CA TYR A 383 -14.84 -0.67 -0.65
C TYR A 383 -14.37 -2.10 -0.60
N ASP A 384 -13.82 -2.52 0.55
CA ASP A 384 -13.41 -3.91 0.71
C ASP A 384 -14.13 -4.50 1.94
N ASP A 385 -14.32 -5.82 1.92
CA ASP A 385 -14.93 -6.54 3.06
C ASP A 385 -14.23 -7.89 3.30
N ALA A 386 -14.81 -8.69 4.19
CA ALA A 386 -14.20 -9.98 4.55
C ALA A 386 -14.15 -10.92 3.34
N GLU A 387 -15.06 -10.74 2.38
CA GLU A 387 -15.04 -11.54 1.15
C GLU A 387 -13.91 -11.16 0.23
N SER A 388 -13.76 -9.87 -0.07
CA SER A 388 -12.64 -9.50 -0.96
C SER A 388 -11.31 -9.87 -0.29
N PHE A 389 -11.29 -9.87 1.03
CA PHE A 389 -10.05 -10.18 1.72
C PHE A 389 -9.69 -11.65 1.59
N LYS A 390 -10.64 -12.52 1.26
CA LYS A 390 -10.27 -13.94 1.04
C LYS A 390 -9.34 -14.04 -0.18
N TYR A 391 -9.70 -13.36 -1.26
CA TYR A 391 -8.92 -13.38 -2.52
C TYR A 391 -7.57 -12.72 -2.35
N LYS A 392 -7.57 -11.60 -1.64
CA LYS A 392 -6.35 -10.87 -1.35
C LYS A 392 -5.39 -11.68 -0.44
N ALA A 393 -5.93 -12.30 0.60
CA ALA A 393 -5.08 -13.12 1.45
C ALA A 393 -4.55 -14.32 0.65
N LYS A 394 -5.38 -14.91 -0.19
CA LYS A 394 -4.90 -16.02 -1.00
C LYS A 394 -3.80 -15.54 -1.93
N TYR A 395 -3.98 -14.37 -2.54
CA TYR A 395 -2.93 -13.80 -3.41
C TYR A 395 -1.63 -13.54 -2.62
N ILE A 396 -1.77 -13.01 -1.39
CA ILE A 396 -0.60 -12.79 -0.52
C ILE A 396 0.16 -14.10 -0.29
N LYS A 397 -0.57 -15.19 -0.04
CA LYS A 397 0.10 -16.50 0.19
C LYS A 397 0.75 -17.04 -1.10
N GLN A 398 0.00 -17.06 -2.19
CA GLN A 398 0.50 -17.54 -3.49
C GLN A 398 1.72 -16.79 -3.98
N GLN A 399 1.73 -15.47 -3.82
CA GLN A 399 2.85 -14.66 -4.31
C GLN A 399 3.94 -14.53 -3.26
N GLN A 400 3.76 -15.18 -2.12
CA GLN A 400 4.74 -15.15 -1.02
C GLN A 400 5.11 -13.72 -0.59
N LEU A 401 4.08 -12.89 -0.47
CA LEU A 401 4.24 -11.54 0.00
C LEU A 401 4.46 -11.53 1.51
N GLY A 402 4.89 -10.40 2.05
CA GLY A 402 5.21 -10.38 3.46
C GLY A 402 3.98 -10.28 4.36
N GLY A 403 2.86 -9.80 3.82
CA GLY A 403 1.69 -9.66 4.67
C GLY A 403 0.73 -8.60 4.16
N VAL A 404 -0.06 -8.02 5.07
CA VAL A 404 -1.09 -7.05 4.71
C VAL A 404 -0.93 -5.83 5.62
N MET A 405 -1.28 -4.66 5.10
CA MET A 405 -1.31 -3.41 5.87
C MET A 405 -2.68 -2.80 5.60
N PHE A 406 -3.18 -2.00 6.53
CA PHE A 406 -4.47 -1.33 6.30
C PHE A 406 -4.58 0.01 7.01
N TRP A 407 -5.37 0.89 6.40
CA TRP A 407 -5.73 2.21 6.93
C TRP A 407 -7.23 2.19 7.08
N HIS A 408 -7.81 2.41 8.28
CA HIS A 408 -7.09 2.43 9.54
C HIS A 408 -7.92 1.71 10.60
N LEU A 409 -7.32 1.46 11.77
CA LEU A 409 -7.93 0.61 12.80
C LEU A 409 -9.33 1.07 13.23
N GLY A 410 -9.54 2.39 13.29
CA GLY A 410 -10.81 2.97 13.70
C GLY A 410 -11.94 2.71 12.71
N GLN A 411 -11.61 2.19 11.54
CA GLN A 411 -12.61 2.01 10.48
C GLN A 411 -13.19 0.60 10.42
N ASP A 412 -12.53 -0.34 11.08
CA ASP A 412 -13.09 -1.68 11.27
C ASP A 412 -14.41 -1.54 12.06
N ASN A 413 -15.29 -2.54 11.96
CA ASN A 413 -16.48 -2.49 12.78
C ASN A 413 -16.13 -2.74 14.24
N ARG A 414 -17.11 -2.57 15.11
CA ARG A 414 -16.90 -2.67 16.55
C ARG A 414 -16.30 -4.00 16.96
N ASN A 415 -16.79 -5.08 16.36
CA ASN A 415 -16.23 -6.37 16.66
C ASN A 415 -14.90 -6.63 15.98
N GLY A 416 -14.43 -5.71 15.13
CA GLY A 416 -13.14 -5.92 14.45
C GLY A 416 -13.17 -7.11 13.52
N ASP A 417 -14.29 -7.28 12.85
CA ASP A 417 -14.41 -8.39 11.91
C ASP A 417 -13.42 -8.38 10.73
N LEU A 418 -13.02 -7.21 10.24
CA LEU A 418 -12.08 -7.19 9.08
C LEU A 418 -10.70 -7.69 9.54
N LEU A 419 -10.21 -7.19 10.67
CA LEU A 419 -8.96 -7.63 11.26
C LEU A 419 -9.01 -9.13 11.57
N ALA A 420 -10.10 -9.58 12.19
CA ALA A 420 -10.26 -10.99 12.53
C ALA A 420 -10.26 -11.85 11.26
N ALA A 421 -10.90 -11.39 10.19
CA ALA A 421 -10.90 -12.16 8.92
C ALA A 421 -9.48 -12.30 8.37
N LEU A 422 -8.73 -11.21 8.35
CA LEU A 422 -7.36 -11.26 7.83
C LEU A 422 -6.55 -12.27 8.65
N ASP A 423 -6.62 -12.15 9.95
CA ASP A 423 -5.92 -13.06 10.83
C ASP A 423 -6.31 -14.53 10.58
N ARG A 424 -7.61 -14.78 10.42
CA ARG A 424 -8.10 -16.13 10.12
C ARG A 424 -7.58 -16.68 8.79
N TYR A 425 -7.58 -15.84 7.76
CA TYR A 425 -7.16 -16.32 6.45
C TYR A 425 -5.68 -16.72 6.46
N PHE A 426 -4.88 -16.05 7.29
CA PHE A 426 -3.47 -16.41 7.39
C PHE A 426 -3.16 -17.51 8.39
N ASN A 427 -3.90 -17.59 9.50
CA ASN A 427 -3.46 -18.39 10.65
C ASN A 427 -4.41 -19.46 11.18
N ALA A 428 -5.68 -19.44 10.79
CA ALA A 428 -6.63 -20.44 11.33
C ALA A 428 -6.34 -21.81 10.73
N ALA A 429 -6.09 -22.79 11.60
CA ALA A 429 -5.82 -24.16 11.15
C ALA A 429 -7.00 -24.72 10.35
N ASP A 430 -8.21 -24.33 10.70
CA ASP A 430 -9.37 -24.89 10.03
C ASP A 430 -9.84 -24.12 8.78
N TYR A 431 -9.14 -23.05 8.37
CA TYR A 431 -9.58 -22.29 7.18
C TYR A 431 -8.90 -22.86 5.92
N ASP A 432 -9.67 -23.07 4.87
CA ASP A 432 -9.14 -23.70 3.68
C ASP A 432 -9.54 -22.88 2.45
N ASP A 433 -8.57 -22.31 1.74
CA ASP A 433 -8.89 -21.59 0.51
C ASP A 433 -8.29 -22.26 -0.72
N SER A 434 -7.89 -23.54 -0.60
CA SER A 434 -7.31 -24.27 -1.73
C SER A 434 -8.30 -24.30 -2.88
N GLN A 435 -9.60 -24.31 -2.60
CA GLN A 435 -10.59 -24.29 -3.68
C GLN A 435 -11.11 -22.88 -4.01
N LEU A 436 -10.54 -21.84 -3.42
CA LEU A 436 -11.07 -20.50 -3.67
C LEU A 436 -10.73 -20.08 -5.11
N ASP A 437 -11.73 -19.80 -5.93
CA ASP A 437 -11.49 -19.54 -7.34
C ASP A 437 -11.07 -18.09 -7.56
N MET A 438 -9.88 -17.86 -8.10
CA MET A 438 -9.36 -16.50 -8.20
C MET A 438 -9.93 -15.74 -9.41
N GLY A 439 -10.75 -16.45 -10.20
CA GLY A 439 -11.50 -15.82 -11.30
C GLY A 439 -10.69 -15.57 -12.56
N THR A 440 -11.31 -14.90 -13.52
CA THR A 440 -10.67 -14.66 -14.82
C THR A 440 -10.43 -13.18 -15.04
N GLY A 441 -10.41 -12.38 -13.96
CA GLY A 441 -10.03 -10.98 -14.09
C GLY A 441 -8.64 -10.89 -14.72
N LEU A 442 -8.32 -9.71 -15.25
CA LEU A 442 -7.07 -9.48 -15.97
C LEU A 442 -5.87 -9.43 -15.03
N ARG A 443 -4.89 -10.29 -15.29
CA ARG A 443 -3.64 -10.30 -14.57
C ARG A 443 -2.68 -9.31 -15.22
N TYR A 444 -1.81 -8.69 -14.42
CA TYR A 444 -0.74 -7.89 -14.98
C TYR A 444 0.29 -8.89 -15.53
N THR A 445 0.57 -8.83 -16.82
CA THR A 445 1.42 -9.86 -17.43
C THR A 445 2.90 -9.44 -17.56
N GLY A 446 3.28 -8.25 -17.08
CA GLY A 446 4.64 -7.76 -17.29
C GLY A 446 5.69 -8.73 -16.75
N VAL A 447 6.81 -8.89 -17.45
CA VAL A 447 7.93 -9.65 -16.94
C VAL A 447 9.16 -8.76 -17.00
N GLY A 448 9.98 -8.77 -15.95
CA GLY A 448 11.20 -7.96 -15.88
C GLY A 448 12.29 -8.84 -15.31
N PRO A 449 13.49 -8.28 -15.09
CA PRO A 449 14.65 -9.07 -14.64
C PRO A 449 14.41 -9.77 -13.30
N GLY A 450 13.47 -9.26 -12.51
CA GLY A 450 13.25 -9.77 -11.16
C GLY A 450 12.25 -10.94 -11.09
N ASN A 451 11.50 -11.19 -12.15
CA ASN A 451 10.49 -12.23 -12.06
C ASN A 451 10.46 -13.13 -13.28
N LEU A 452 11.62 -13.55 -13.77
CA LEU A 452 11.66 -14.39 -14.98
C LEU A 452 11.04 -15.76 -14.71
N PRO A 453 10.14 -16.22 -15.61
CA PRO A 453 9.56 -17.55 -15.32
C PRO A 453 10.59 -18.65 -15.57
N ILE A 454 10.44 -19.77 -14.86
CA ILE A 454 11.24 -20.96 -15.16
C ILE A 454 10.83 -21.45 -16.55
N MET A 455 11.81 -21.73 -17.41
CA MET A 455 11.51 -22.24 -18.75
C MET A 455 12.52 -23.33 -19.15
N THR A 456 12.20 -24.07 -20.21
CA THR A 456 13.21 -24.91 -20.86
C THR A 456 13.16 -24.70 -22.35
N ALA A 457 14.24 -25.07 -23.02
CA ALA A 457 14.35 -24.94 -24.46
C ALA A 457 15.62 -25.68 -24.86
N PRO A 458 15.71 -26.08 -26.14
CA PRO A 458 16.94 -26.76 -26.59
C PRO A 458 18.14 -25.86 -26.39
N ALA A 459 19.29 -26.47 -26.12
CA ALA A 459 20.52 -25.71 -25.95
C ALA A 459 20.94 -24.96 -27.21
N TYR A 460 21.46 -23.75 -27.03
CA TYR A 460 22.03 -22.99 -28.13
C TYR A 460 23.12 -23.80 -28.82
N VAL A 461 23.16 -23.75 -30.16
CA VAL A 461 24.18 -24.45 -30.95
C VAL A 461 24.94 -23.48 -31.82
N PRO A 462 26.24 -23.32 -31.58
CA PRO A 462 26.99 -22.40 -32.43
C PRO A 462 26.81 -22.77 -33.92
N GLY A 463 26.73 -21.80 -34.82
CA GLY A 463 26.61 -22.09 -36.25
C GLY A 463 25.18 -22.28 -36.76
N THR A 464 24.23 -22.44 -35.86
CA THR A 464 22.84 -22.55 -36.27
C THR A 464 22.27 -21.16 -36.56
N THR A 465 21.41 -21.08 -37.57
CA THR A 465 20.79 -19.80 -37.91
C THR A 465 19.39 -19.77 -37.32
N TYR A 466 19.13 -18.87 -36.38
CA TYR A 466 17.86 -18.87 -35.69
C TYR A 466 16.88 -17.83 -36.25
N ALA A 467 15.68 -18.28 -36.61
CA ALA A 467 14.57 -17.41 -37.02
C ALA A 467 14.05 -16.59 -35.83
N GLN A 468 13.39 -15.47 -36.16
CA GLN A 468 12.80 -14.60 -35.16
C GLN A 468 11.87 -15.39 -34.25
N GLY A 469 11.95 -15.17 -32.94
CA GLY A 469 11.08 -15.92 -32.01
C GLY A 469 11.63 -17.27 -31.58
N ALA A 470 12.79 -17.69 -32.08
CA ALA A 470 13.34 -18.96 -31.64
C ALA A 470 13.80 -18.90 -30.16
N LEU A 471 13.59 -20.00 -29.45
CA LEU A 471 13.95 -20.10 -28.03
C LEU A 471 15.09 -21.07 -27.84
N VAL A 472 16.14 -20.65 -27.13
CA VAL A 472 17.23 -21.56 -26.78
C VAL A 472 17.62 -21.40 -25.31
N SER A 473 18.34 -22.40 -24.78
CA SER A 473 18.86 -22.22 -23.44
C SER A 473 20.36 -22.06 -23.50
N TYR A 474 20.89 -21.27 -22.59
CA TYR A 474 22.29 -20.94 -22.65
C TYR A 474 22.70 -20.26 -21.37
N GLN A 475 23.74 -20.80 -20.73
CA GLN A 475 24.28 -20.23 -19.51
C GLN A 475 23.28 -19.84 -18.44
N GLY A 476 22.36 -20.75 -18.14
CA GLY A 476 21.43 -20.57 -17.05
C GLY A 476 20.07 -20.03 -17.47
N TYR A 477 19.97 -19.54 -18.71
CA TYR A 477 18.73 -18.85 -19.10
C TYR A 477 18.11 -19.35 -20.39
N VAL A 478 16.85 -19.01 -20.60
CA VAL A 478 16.22 -19.22 -21.88
C VAL A 478 16.09 -17.87 -22.57
N TRP A 479 16.46 -17.87 -23.84
CA TRP A 479 16.66 -16.67 -24.62
C TRP A 479 15.80 -16.75 -25.86
N GLN A 480 15.35 -15.60 -26.34
CA GLN A 480 14.52 -15.56 -27.53
C GLN A 480 15.10 -14.56 -28.54
N THR A 481 15.17 -14.95 -29.82
CA THR A 481 15.68 -14.03 -30.84
C THR A 481 14.62 -12.97 -31.10
N LYS A 482 15.06 -11.71 -31.24
CA LYS A 482 14.15 -10.59 -31.42
C LYS A 482 13.85 -10.40 -32.91
N TRP A 483 14.82 -10.78 -33.74
CA TRP A 483 14.63 -10.90 -35.21
C TRP A 483 15.37 -12.13 -35.71
N GLY A 484 15.34 -12.38 -37.02
CA GLY A 484 16.10 -13.49 -37.62
C GLY A 484 16.93 -12.92 -38.76
N TYR A 485 17.99 -13.59 -39.20
CA TYR A 485 18.49 -14.85 -38.65
C TYR A 485 19.68 -14.55 -37.78
N ILE A 486 19.67 -15.12 -36.57
CA ILE A 486 20.70 -14.80 -35.61
C ILE A 486 21.63 -15.99 -35.49
N THR A 487 22.93 -15.73 -35.45
CA THR A 487 23.88 -16.81 -35.13
C THR A 487 24.77 -16.48 -33.92
N SER A 488 24.63 -15.30 -33.30
CA SER A 488 25.49 -14.88 -32.16
C SER A 488 25.12 -15.69 -30.93
N ALA A 489 26.06 -15.81 -29.99
CA ALA A 489 25.78 -16.47 -28.72
C ALA A 489 24.83 -15.60 -27.88
N PRO A 490 23.79 -16.21 -27.27
CA PRO A 490 22.81 -15.42 -26.52
C PRO A 490 23.50 -14.57 -25.46
N GLY A 491 23.09 -13.31 -25.35
CA GLY A 491 23.64 -12.39 -24.38
C GLY A 491 24.86 -11.66 -24.86
N SER A 492 25.42 -12.06 -26.00
CA SER A 492 26.64 -11.40 -26.48
C SER A 492 26.36 -10.15 -27.32
N ASP A 493 25.13 -9.96 -27.78
CA ASP A 493 24.79 -8.72 -28.50
C ASP A 493 23.31 -8.41 -28.28
N SER A 494 22.71 -7.52 -29.05
CA SER A 494 21.36 -7.11 -28.70
C SER A 494 20.25 -7.94 -29.36
N ALA A 495 20.61 -9.00 -30.09
CA ALA A 495 19.60 -9.79 -30.85
C ALA A 495 18.78 -10.73 -29.96
N TRP A 496 19.31 -11.06 -28.78
CA TRP A 496 18.66 -12.01 -27.89
C TRP A 496 18.01 -11.37 -26.70
N LEU A 497 16.77 -11.78 -26.42
CA LEU A 497 16.06 -11.31 -25.24
C LEU A 497 16.07 -12.42 -24.18
N LYS A 498 16.62 -12.14 -22.99
CA LYS A 498 16.51 -13.08 -21.89
C LYS A 498 15.04 -13.19 -21.42
N VAL A 499 14.39 -14.30 -21.72
CA VAL A 499 12.93 -14.45 -21.44
C VAL A 499 12.60 -15.38 -20.27
N GLY A 500 13.53 -16.23 -19.85
CA GLY A 500 13.24 -17.16 -18.76
C GLY A 500 14.51 -17.67 -18.08
N ARG A 501 14.34 -18.40 -16.99
CA ARG A 501 15.50 -18.97 -16.31
C ARG A 501 15.36 -20.48 -16.19
N LEU A 502 16.50 -21.16 -16.18
CA LEU A 502 16.53 -22.61 -16.11
C LEU A 502 16.29 -23.12 -14.69
#